data_7HJT
#
_entry.id   7HJT
#
_cell.length_a   26.122
_cell.length_b   47.008
_cell.length_c   46.404
_cell.angle_alpha   90.000
_cell.angle_beta   103.120
_cell.angle_gamma   90.000
#
_symmetry.space_group_name_H-M   'P 1 21 1'
#
loop_
_entity.id
_entity.type
_entity.pdbx_description
1 polymer 'De novo designed ABLE protein'
2 non-polymer '3-oxo-3,4-dihydro-2H-1,4-benzothiazine-7-carboxylic acid'
3 water water
#
_entity_poly.entity_id   1
_entity_poly.type   'polypeptide(L)'
_entity_poly.pdbx_seq_one_letter_code
;SVKSEYAEAAAVGQEAVAVFNTMKAAFQNGDKEAVAQYLARLASLYTRHEELLNRILEKARREGNKEAVTLMNEFTATFQ
TGKSIFNAMVAAFKNGDDDSFESYLQALEKVTAKGETLADQIAKAL
;
_entity_poly.pdbx_strand_id   A
#
# COMPACT_ATOMS: atom_id res chain seq x y z
N SER A 1 -4.04 -1.18 22.81
CA SER A 1 -3.98 0.28 22.65
C SER A 1 -3.96 0.66 21.18
N VAL A 2 -4.13 1.95 20.92
CA VAL A 2 -4.04 2.44 19.55
C VAL A 2 -2.63 2.17 19.04
N LYS A 3 -1.62 2.23 19.90
N LYS A 3 -1.63 2.21 19.91
CA LYS A 3 -0.25 2.00 19.45
CA LYS A 3 -0.26 2.00 19.46
C LYS A 3 -0.06 0.56 18.99
C LYS A 3 -0.02 0.56 19.03
N SER A 4 -0.64 -0.41 19.72
CA SER A 4 -0.52 -1.80 19.30
C SER A 4 -1.40 -2.09 18.08
N GLU A 5 -2.50 -1.37 17.94
CA GLU A 5 -3.29 -1.51 16.73
C GLU A 5 -2.52 -0.95 15.53
N TYR A 6 -1.71 0.09 15.72
CA TYR A 6 -0.90 0.59 14.61
C TYR A 6 0.21 -0.41 14.26
N ALA A 7 0.79 -1.07 15.27
CA ALA A 7 1.82 -2.08 14.96
C ALA A 7 1.24 -3.25 14.18
N GLU A 8 0.01 -3.64 14.48
CA GLU A 8 -0.68 -4.67 13.73
C GLU A 8 -0.96 -4.21 12.31
N ALA A 9 -1.39 -2.96 12.15
CA ALA A 9 -1.58 -2.38 10.83
C ALA A 9 -0.27 -2.27 10.09
N ALA A 10 0.82 -1.91 10.78
CA ALA A 10 2.11 -1.85 10.09
C ALA A 10 2.53 -3.22 9.57
N ALA A 11 2.21 -4.29 10.30
CA ALA A 11 2.61 -5.62 9.85
C ALA A 11 1.83 -6.03 8.61
N VAL A 12 0.53 -5.70 8.57
CA VAL A 12 -0.25 -5.96 7.37
C VAL A 12 0.36 -5.20 6.18
N GLY A 13 0.78 -3.96 6.41
CA GLY A 13 1.46 -3.22 5.36
C GLY A 13 2.71 -3.93 4.86
N GLN A 14 3.55 -4.43 5.79
CA GLN A 14 4.75 -5.15 5.39
C GLN A 14 4.43 -6.43 4.64
N GLU A 15 3.29 -7.06 4.95
CA GLU A 15 2.88 -8.25 4.20
C GLU A 15 2.60 -7.88 2.75
N ALA A 16 1.92 -6.76 2.54
CA ALA A 16 1.70 -6.30 1.18
C ALA A 16 3.00 -5.97 0.49
N VAL A 17 3.97 -5.41 1.21
CA VAL A 17 5.27 -5.16 0.58
C VAL A 17 5.89 -6.46 0.13
N ALA A 18 5.81 -7.49 0.97
CA ALA A 18 6.42 -8.76 0.61
C ALA A 18 5.75 -9.37 -0.61
N VAL A 19 4.42 -9.40 -0.62
N VAL A 19 4.41 -9.38 -0.63
CA VAL A 19 3.68 -9.99 -1.73
CA VAL A 19 3.68 -9.96 -1.74
C VAL A 19 3.90 -9.18 -3.01
C VAL A 19 3.90 -9.14 -3.02
N PHE A 20 3.97 -7.85 -2.87
N PHE A 20 3.87 -7.82 -2.89
CA PHE A 20 4.24 -6.98 -4.02
CA PHE A 20 4.08 -6.95 -4.05
C PHE A 20 5.56 -7.34 -4.69
C PHE A 20 5.45 -7.18 -4.68
N ASN A 21 6.62 -7.48 -3.90
N ASN A 21 6.45 -7.55 -3.88
CA ASN A 21 7.92 -7.79 -4.50
CA ASN A 21 7.77 -7.79 -4.44
C ASN A 21 7.90 -9.15 -5.19
C ASN A 21 7.89 -9.18 -5.07
N THR A 22 7.21 -10.12 -4.60
N THR A 22 7.17 -10.18 -4.56
CA THR A 22 7.06 -11.42 -5.26
CA THR A 22 7.09 -11.46 -5.27
C THR A 22 6.28 -11.25 -6.56
C THR A 22 6.13 -11.40 -6.44
N MET A 23 5.21 -10.47 -6.53
N MET A 23 5.29 -10.38 -6.51
CA MET A 23 4.42 -10.19 -7.72
CA MET A 23 4.48 -10.14 -7.68
C MET A 23 5.26 -9.53 -8.81
C MET A 23 5.27 -9.46 -8.79
N LYS A 24 6.10 -8.56 -8.44
N LYS A 24 6.17 -8.55 -8.41
CA LYS A 24 6.98 -7.90 -9.40
CA LYS A 24 7.01 -7.86 -9.38
C LYS A 24 7.86 -8.92 -10.10
C LYS A 24 7.97 -8.83 -10.06
N ALA A 25 8.45 -9.84 -9.32
CA ALA A 25 9.29 -10.88 -9.93
C ALA A 25 8.50 -11.73 -10.91
N ALA A 26 7.29 -12.13 -10.52
CA ALA A 26 6.44 -12.93 -11.41
C ALA A 26 6.10 -12.19 -12.69
N PHE A 27 5.76 -10.90 -12.59
CA PHE A 27 5.48 -10.09 -13.77
C PHE A 27 6.68 -10.05 -14.70
N GLN A 28 7.87 -9.76 -14.14
CA GLN A 28 9.05 -9.72 -14.98
C GLN A 28 9.25 -11.06 -15.67
N ASN A 29 8.98 -12.17 -14.99
CA ASN A 29 9.17 -13.51 -15.56
C ASN A 29 8.05 -13.95 -16.49
N GLY A 30 6.97 -13.18 -16.59
CA GLY A 30 5.90 -13.51 -17.49
C GLY A 30 4.91 -14.53 -16.96
N ASP A 31 4.92 -14.79 -15.64
CA ASP A 31 4.08 -15.81 -15.01
C ASP A 31 2.77 -15.13 -14.62
N LYS A 32 1.88 -15.00 -15.62
N LYS A 32 1.88 -15.02 -15.62
CA LYS A 32 0.68 -14.19 -15.42
CA LYS A 32 0.66 -14.24 -15.42
C LYS A 32 -0.29 -14.87 -14.47
C LYS A 32 -0.32 -14.93 -14.47
N GLU A 33 -0.31 -16.20 -14.42
N GLU A 33 -0.30 -16.26 -14.41
CA GLU A 33 -1.18 -16.88 -13.47
CA GLU A 33 -1.17 -16.96 -13.47
C GLU A 33 -0.80 -16.54 -12.04
C GLU A 33 -0.80 -16.61 -12.04
N ALA A 34 0.49 -16.48 -11.75
CA ALA A 34 0.93 -16.06 -10.44
C ALA A 34 0.57 -14.61 -10.19
N VAL A 35 0.85 -13.76 -11.17
CA VAL A 35 0.54 -12.33 -10.98
C VAL A 35 -0.94 -12.16 -10.62
N ALA A 36 -1.82 -12.84 -11.34
CA ALA A 36 -3.25 -12.67 -11.06
C ALA A 36 -3.57 -12.99 -9.59
N GLN A 37 -2.99 -14.06 -9.08
CA GLN A 37 -3.24 -14.45 -7.69
C GLN A 37 -2.62 -13.47 -6.70
N TYR A 38 -1.41 -12.99 -6.98
CA TYR A 38 -0.81 -12.00 -6.10
C TYR A 38 -1.60 -10.71 -6.10
N LEU A 39 -2.15 -10.32 -7.25
CA LEU A 39 -2.95 -9.10 -7.29
C LEU A 39 -4.23 -9.25 -6.45
N ALA A 40 -4.88 -10.42 -6.49
CA ALA A 40 -6.01 -10.67 -5.61
C ALA A 40 -5.58 -10.60 -4.15
N ARG A 41 -4.44 -11.19 -3.82
N ARG A 41 -4.43 -11.19 -3.82
CA ARG A 41 -3.95 -11.18 -2.44
CA ARG A 41 -3.94 -11.15 -2.45
C ARG A 41 -3.67 -9.76 -1.97
C ARG A 41 -3.65 -9.72 -2.01
N LEU A 42 -3.00 -8.97 -2.83
N LEU A 42 -3.06 -8.92 -2.91
CA LEU A 42 -2.73 -7.57 -2.50
CA LEU A 42 -2.80 -7.52 -2.59
C LEU A 42 -4.01 -6.77 -2.32
C LEU A 42 -4.09 -6.73 -2.39
N ALA A 43 -5.03 -6.99 -3.17
N ALA A 43 -5.14 -7.07 -3.13
CA ALA A 43 -6.27 -6.23 -3.00
CA ALA A 43 -6.42 -6.40 -2.91
C ALA A 43 -6.85 -6.47 -1.61
C ALA A 43 -6.96 -6.67 -1.51
N SER A 44 -6.88 -7.73 -1.19
N SER A 44 -6.74 -7.88 -1.00
CA SER A 44 -7.42 -8.04 0.12
CA SER A 44 -7.21 -8.22 0.33
C SER A 44 -6.60 -7.39 1.22
C SER A 44 -6.34 -7.60 1.42
N LEU A 45 -5.27 -7.45 1.09
N LEU A 45 -5.05 -7.41 1.15
CA LEU A 45 -4.38 -6.85 2.08
CA LEU A 45 -4.16 -6.80 2.12
C LEU A 45 -4.58 -5.34 2.17
C LEU A 45 -4.33 -5.29 2.17
N TYR A 46 -4.60 -4.66 1.03
CA TYR A 46 -4.83 -3.22 1.03
C TYR A 46 -6.19 -2.89 1.62
N THR A 47 -7.22 -3.69 1.32
N THR A 47 -7.22 -3.67 1.28
CA THR A 47 -8.51 -3.43 1.95
CA THR A 47 -8.56 -3.39 1.76
C THR A 47 -8.39 -3.51 3.48
C THR A 47 -8.63 -3.49 3.27
N ARG A 48 -7.70 -4.54 3.98
N ARG A 48 -7.93 -4.47 3.85
CA ARG A 48 -7.53 -4.72 5.41
CA ARG A 48 -7.89 -4.60 5.31
C ARG A 48 -6.68 -3.60 6.02
C ARG A 48 -7.07 -3.47 5.92
N HIS A 49 -5.61 -3.20 5.33
N HIS A 49 -5.87 -3.24 5.39
CA HIS A 49 -4.80 -2.10 5.82
CA HIS A 49 -5.00 -2.20 5.96
C HIS A 49 -5.61 -0.81 5.90
C HIS A 49 -5.69 -0.84 5.94
N GLU A 50 -6.35 -0.49 4.84
CA GLU A 50 -7.16 0.72 4.80
C GLU A 50 -8.14 0.77 5.97
N GLU A 51 -8.79 -0.36 6.27
CA GLU A 51 -9.76 -0.38 7.36
C GLU A 51 -9.10 -0.17 8.72
N LEU A 52 -7.97 -0.83 8.98
CA LEU A 52 -7.23 -0.63 10.22
C LEU A 52 -6.77 0.82 10.38
N LEU A 53 -6.29 1.42 9.29
CA LEU A 53 -5.84 2.81 9.35
C LEU A 53 -7.00 3.73 9.70
N ASN A 54 -8.20 3.46 9.15
CA ASN A 54 -9.33 4.34 9.45
C ASN A 54 -9.71 4.21 10.92
N ARG A 55 -9.69 2.99 11.45
CA ARG A 55 -10.03 2.82 12.86
C ARG A 55 -9.02 3.54 13.75
N ILE A 56 -7.76 3.50 13.37
CA ILE A 56 -6.71 4.17 14.12
C ILE A 56 -6.93 5.67 14.09
N LEU A 57 -7.21 6.22 12.91
CA LEU A 57 -7.45 7.66 12.80
C LEU A 57 -8.66 8.06 13.62
N GLU A 58 -9.76 7.32 13.46
CA GLU A 58 -10.95 7.64 14.26
C GLU A 58 -10.65 7.62 15.76
N LYS A 59 -9.84 6.65 16.21
CA LYS A 59 -9.52 6.54 17.62
C LYS A 59 -8.65 7.70 18.10
N ALA A 60 -7.64 8.05 17.30
CA ALA A 60 -6.84 9.24 17.61
C ALA A 60 -7.71 10.48 17.74
N ARG A 61 -8.71 10.62 16.86
CA ARG A 61 -9.63 11.76 16.93
C ARG A 61 -10.41 11.74 18.23
N ARG A 62 -10.94 10.57 18.60
CA ARG A 62 -11.74 10.49 19.83
C ARG A 62 -10.88 10.77 21.07
N GLU A 63 -9.60 10.41 21.01
CA GLU A 63 -8.63 10.63 22.07
C GLU A 63 -8.12 12.07 22.13
N GLY A 64 -8.46 12.89 21.13
CA GLY A 64 -7.97 14.26 21.06
C GLY A 64 -6.48 14.39 20.76
N ASN A 65 -5.90 13.40 20.09
CA ASN A 65 -4.45 13.38 19.88
C ASN A 65 -4.16 14.13 18.60
N LYS A 66 -4.09 15.45 18.73
CA LYS A 66 -4.08 16.31 17.54
C LYS A 66 -2.92 15.98 16.62
N GLU A 67 -1.71 15.81 17.18
CA GLU A 67 -0.58 15.52 16.30
C GLU A 67 -0.78 14.20 15.57
N ALA A 68 -1.22 13.16 16.26
CA ALA A 68 -1.44 11.89 15.59
C ALA A 68 -2.54 12.02 14.52
N VAL A 69 -3.57 12.82 14.77
CA VAL A 69 -4.61 13.02 13.77
C VAL A 69 -4.03 13.70 12.52
N THR A 70 -3.25 14.78 12.71
CA THR A 70 -2.61 15.45 11.57
C THR A 70 -1.83 14.47 10.73
N LEU A 71 -0.94 13.71 11.37
CA LEU A 71 -0.08 12.77 10.66
C LEU A 71 -0.90 11.68 9.96
N MET A 72 -1.90 11.14 10.64
CA MET A 72 -2.75 10.10 10.04
C MET A 72 -3.59 10.64 8.89
N ASN A 73 -4.08 11.88 8.98
CA ASN A 73 -4.74 12.49 7.83
C ASN A 73 -3.80 12.56 6.63
N GLU A 74 -2.56 13.00 6.85
CA GLU A 74 -1.60 13.02 5.75
C GLU A 74 -1.33 11.60 5.24
N PHE A 75 -1.19 10.64 6.14
CA PHE A 75 -0.81 9.31 5.73
C PHE A 75 -1.93 8.62 4.97
N THR A 76 -3.17 8.76 5.46
CA THR A 76 -4.31 8.17 4.77
C THR A 76 -4.52 8.80 3.39
N ALA A 77 -4.21 10.08 3.24
CA ALA A 77 -4.27 10.69 1.92
C ALA A 77 -3.29 10.03 0.97
N THR A 78 -2.04 9.84 1.42
CA THR A 78 -1.04 9.16 0.61
C THR A 78 -1.45 7.73 0.31
N PHE A 79 -2.05 7.05 1.30
CA PHE A 79 -2.53 5.69 1.07
C PHE A 79 -3.50 5.64 -0.12
N GLN A 80 -4.39 6.62 -0.24
N GLN A 80 -4.41 6.61 -0.22
CA GLN A 80 -5.35 6.63 -1.35
CA GLN A 80 -5.39 6.61 -1.30
C GLN A 80 -4.64 6.84 -2.70
C GLN A 80 -4.75 6.85 -2.65
N THR A 81 -3.57 7.62 -2.72
N THR A 81 -3.62 7.57 -2.69
CA THR A 81 -2.76 7.73 -3.93
CA THR A 81 -2.86 7.67 -3.92
C THR A 81 -2.24 6.36 -4.33
C THR A 81 -2.41 6.30 -4.37
N GLY A 82 -1.64 5.66 -3.38
N GLY A 82 -1.96 5.46 -3.43
CA GLY A 82 -1.12 4.34 -3.69
CA GLY A 82 -1.63 4.09 -3.78
C GLY A 82 -2.21 3.37 -4.10
C GLY A 82 -2.82 3.34 -4.32
N LYS A 83 -3.36 3.45 -3.43
N LYS A 83 -3.99 3.55 -3.71
CA LYS A 83 -4.50 2.60 -3.78
CA LYS A 83 -5.18 2.82 -4.13
C LYS A 83 -4.98 2.88 -5.20
C LYS A 83 -5.51 3.08 -5.59
N SER A 84 -5.08 4.16 -5.58
N SER A 84 -5.44 4.34 -6.02
CA SER A 84 -5.52 4.50 -6.92
CA SER A 84 -5.74 4.65 -7.42
C SER A 84 -4.53 3.95 -7.95
C SER A 84 -4.69 4.06 -8.34
N ILE A 85 -3.24 4.08 -7.68
N ILE A 85 -3.41 4.15 -7.96
CA ILE A 85 -2.26 3.55 -8.62
CA ILE A 85 -2.35 3.57 -8.77
C ILE A 85 -2.37 2.04 -8.69
C ILE A 85 -2.47 2.05 -8.78
N PHE A 86 -2.54 1.38 -7.55
N PHE A 86 -2.77 1.44 -7.63
CA PHE A 86 -2.73 -0.06 -7.55
CA PHE A 86 -2.94 0.00 -7.57
C PHE A 86 -3.90 -0.46 -8.43
C PHE A 86 -4.13 -0.45 -8.41
N ASN A 87 -5.03 0.21 -8.29
N ASN A 87 -5.25 0.25 -8.26
CA ASN A 87 -6.20 -0.16 -9.06
CA ASN A 87 -6.40 -0.04 -9.12
C ASN A 87 -5.94 0.04 -10.56
C ASN A 87 -6.02 0.09 -10.58
N ALA A 88 -5.23 1.10 -10.93
CA ALA A 88 -4.86 1.29 -12.33
C ALA A 88 -3.97 0.16 -12.81
N MET A 89 -3.08 -0.32 -11.93
CA MET A 89 -2.20 -1.43 -12.26
C MET A 89 -3.01 -2.69 -12.55
N VAL A 90 -4.00 -2.96 -11.70
CA VAL A 90 -4.89 -4.11 -11.89
C VAL A 90 -5.60 -4.02 -13.23
N ALA A 91 -6.08 -2.82 -13.58
CA ALA A 91 -6.75 -2.62 -14.86
C ALA A 91 -5.80 -2.85 -16.01
N ALA A 92 -4.57 -2.35 -15.88
CA ALA A 92 -3.55 -2.60 -16.91
C ALA A 92 -3.30 -4.08 -17.08
N PHE A 93 -3.31 -4.85 -16.00
CA PHE A 93 -3.10 -6.28 -16.13
C PHE A 93 -4.26 -6.94 -16.87
N LYS A 94 -5.47 -6.59 -16.48
CA LYS A 94 -6.67 -7.09 -17.15
C LYS A 94 -6.63 -6.79 -18.64
N ASN A 95 -6.20 -5.59 -19.01
CA ASN A 95 -6.17 -5.13 -20.40
C ASN A 95 -4.99 -5.68 -21.20
N GLY A 96 -4.03 -6.35 -20.54
CA GLY A 96 -2.82 -6.80 -21.21
C GLY A 96 -1.86 -5.69 -21.57
N ASP A 97 -1.89 -4.57 -20.87
CA ASP A 97 -1.06 -3.42 -21.19
C ASP A 97 0.17 -3.45 -20.28
N ASP A 98 1.22 -4.13 -20.72
CA ASP A 98 2.37 -4.30 -19.85
C ASP A 98 3.14 -3.00 -19.69
N ASP A 99 3.08 -2.10 -20.68
CA ASP A 99 3.73 -0.81 -20.55
C ASP A 99 3.12 -0.02 -19.40
N SER A 100 1.79 0.07 -19.36
CA SER A 100 1.15 0.75 -18.25
C SER A 100 1.38 0.01 -16.93
N PHE A 101 1.40 -1.32 -16.96
CA PHE A 101 1.61 -2.06 -15.71
C PHE A 101 2.97 -1.70 -15.11
N GLU A 102 4.01 -1.69 -15.94
CA GLU A 102 5.35 -1.29 -15.49
C GLU A 102 5.33 0.12 -14.91
N SER A 103 4.72 1.06 -15.62
N SER A 103 4.66 1.05 -15.59
CA SER A 103 4.65 2.45 -15.16
CA SER A 103 4.59 2.44 -15.13
C SER A 103 4.05 2.53 -13.76
C SER A 103 3.88 2.53 -13.78
N TYR A 104 2.83 2.01 -13.62
N TYR A 104 2.69 1.96 -13.69
CA TYR A 104 2.15 2.04 -12.33
CA TYR A 104 1.94 2.00 -12.44
C TYR A 104 2.95 1.33 -11.26
C TYR A 104 2.70 1.30 -11.33
N LEU A 105 3.62 0.23 -11.61
N LEU A 105 3.36 0.19 -11.64
CA LEU A 105 4.37 -0.53 -10.60
CA LEU A 105 4.14 -0.52 -10.63
C LEU A 105 5.48 0.33 -9.99
C LEU A 105 5.27 0.36 -10.10
N GLN A 106 6.26 1.01 -10.85
N GLN A 106 5.94 1.08 -10.98
CA GLN A 106 7.32 1.88 -10.37
CA GLN A 106 7.00 1.99 -10.55
C GLN A 106 6.77 3.05 -9.58
C GLN A 106 6.42 3.13 -9.71
N ALA A 107 5.63 3.60 -10.03
N ALA A 107 5.25 3.63 -10.09
CA ALA A 107 4.99 4.69 -9.30
CA ALA A 107 4.63 4.72 -9.33
C ALA A 107 4.61 4.26 -7.91
C ALA A 107 4.21 4.25 -7.95
N LEU A 108 3.97 3.09 -7.79
N LEU A 108 3.73 3.02 -7.83
CA LEU A 108 3.53 2.60 -6.48
CA LEU A 108 3.31 2.51 -6.53
C LEU A 108 4.72 2.42 -5.56
C LEU A 108 4.49 2.33 -5.59
N GLU A 109 5.83 1.93 -6.10
N GLU A 109 5.69 2.10 -6.14
CA GLU A 109 7.06 1.79 -5.31
CA GLU A 109 6.88 1.98 -5.31
C GLU A 109 7.55 3.14 -4.79
C GLU A 109 7.23 3.29 -4.63
N LYS A 110 7.46 4.19 -5.60
N LYS A 110 7.17 4.40 -5.37
CA LYS A 110 7.97 5.49 -5.17
CA LYS A 110 7.50 5.69 -4.77
C LYS A 110 7.01 6.16 -4.19
C LYS A 110 6.41 6.17 -3.80
N VAL A 111 5.71 6.03 -4.41
N VAL A 111 5.19 5.65 -3.92
CA VAL A 111 4.73 6.53 -3.45
CA VAL A 111 4.18 5.93 -2.90
C VAL A 111 4.91 5.85 -2.10
C VAL A 111 4.57 5.28 -1.58
N THR A 112 5.23 4.55 -2.12
N THR A 112 4.95 4.00 -1.64
CA THR A 112 5.37 3.81 -0.88
CA THR A 112 5.40 3.33 -0.43
C THR A 112 6.66 4.14 -0.16
C THR A 112 6.67 3.97 0.12
N ALA A 113 7.76 4.26 -0.91
N ALA A 113 7.61 4.33 -0.77
CA ALA A 113 9.02 4.65 -0.30
CA ALA A 113 8.88 4.86 -0.31
C ALA A 113 8.92 6.03 0.34
C ALA A 113 8.71 6.24 0.34
N LYS A 114 8.26 6.98 -0.36
N LYS A 114 7.95 7.13 -0.29
CA LYS A 114 8.16 8.33 0.17
CA LYS A 114 7.86 8.49 0.21
C LYS A 114 7.41 8.36 1.49
C LYS A 114 7.10 8.59 1.53
N GLY A 115 6.35 7.56 1.60
N GLY A 115 6.28 7.59 1.85
CA GLY A 115 5.51 7.59 2.78
CA GLY A 115 5.45 7.62 3.04
C GLY A 115 6.06 6.93 4.02
C GLY A 115 5.99 6.85 4.23
N GLU A 116 7.32 6.50 4.00
N GLU A 116 7.24 6.39 4.19
CA GLU A 116 7.81 5.67 5.10
CA GLU A 116 7.75 5.58 5.29
C GLU A 116 8.23 6.50 6.30
C GLU A 116 8.27 6.42 6.45
N THR A 117 8.83 7.67 6.08
N THR A 117 8.82 7.60 6.18
CA THR A 117 9.20 8.48 7.24
CA THR A 117 9.19 8.48 7.27
C THR A 117 7.95 8.88 8.04
C THR A 117 7.96 8.93 8.05
N LEU A 118 6.86 9.20 7.35
CA LEU A 118 5.61 9.53 8.03
C LEU A 118 5.05 8.30 8.77
N ALA A 119 5.15 7.12 8.16
CA ALA A 119 4.70 5.91 8.83
C ALA A 119 5.42 5.74 10.16
N ASP A 120 6.72 5.98 10.18
N ASP A 120 6.73 6.00 10.19
CA ASP A 120 7.46 5.86 11.43
CA ASP A 120 7.48 5.90 11.43
C ASP A 120 7.05 6.95 12.41
C ASP A 120 7.10 7.02 12.39
N GLN A 121 6.83 8.18 11.93
N GLN A 121 6.81 8.22 11.87
CA GLN A 121 6.41 9.26 12.82
CA GLN A 121 6.38 9.31 12.73
C GLN A 121 5.10 8.93 13.51
C GLN A 121 5.11 8.94 13.48
N ILE A 122 4.18 8.27 12.81
CA ILE A 122 2.89 7.96 13.42
C ILE A 122 3.09 7.00 14.59
N ALA A 123 3.92 5.98 14.42
CA ALA A 123 4.15 5.04 15.52
C ALA A 123 4.56 5.79 16.79
N LYS A 124 5.42 6.80 16.63
N LYS A 124 5.43 6.79 16.64
CA LYS A 124 5.91 7.53 17.80
CA LYS A 124 5.93 7.53 17.80
C LYS A 124 4.87 8.47 18.35
C LYS A 124 4.88 8.49 18.35
N ALA A 125 3.91 8.91 17.53
CA ALA A 125 2.94 9.90 17.96
C ALA A 125 1.75 9.32 18.69
N LEU A 126 1.42 8.06 18.44
CA LEU A 126 0.20 7.49 18.97
C LEU A 126 0.25 7.27 20.47
#